data_8S18
#
_entry.id   8S18
#
_cell.length_a   87.630
_cell.length_b   90.790
_cell.length_c   91.110
_cell.angle_alpha   90.000
_cell.angle_beta   90.000
_cell.angle_gamma   90.000
#
_symmetry.space_group_name_H-M   'P 21 21 21'
#
loop_
_entity.id
_entity.type
_entity.pdbx_description
1 polymer 'Mast/stem cell growth factor receptor Kit'
2 non-polymer 3-[2-[2-(cyclopropylamino)pyrimidin-5-yl]ethynyl]-~{N}-[3-imidazol-1-yl-5-(trifluoromethyl)phenyl]-4-methyl-benzamide
3 non-polymer 'CHLORIDE ION'
4 water water
#
_entity_poly.entity_id   1
_entity_poly.type   'polypeptide(L)'
_entity_poly.pdbx_seq_one_letter_code
;GSMPMYEVQWKVVEESNGNNYSYIDPTQLPYDHKWEFPRNRLSFGKTLGAGAFGKVVEATAQGLIKSDAAMTVAVKMLKP
SAHSTEREALMSELKVLSYLGNHENIVNLLGACTHGGPTLVITEYCCYGDLLNFLRRKRDEFVPYKVAPEDLYKDFLTLE
HLLSFSYQVAKGMAFLASKNCIHRDLAARNILLTHGNITKICDFGLARDIKNDSNYVDKGNARLPVKWMAPESIFNSVYT
FESDVWSYGIFLWELFSLGSSPYPGMPVDSKFYKMIKEGFRMSSPEYAPAEMYDIMKTCWDADPDKRPTFKQIVQDIEKQ
ISESTNH
;
_entity_poly.pdbx_strand_id   A,B
#
loop_
_chem_comp.id
_chem_comp.type
_chem_comp.name
_chem_comp.formula
A1H4U non-polymer 3-[2-[2-(cyclopropylamino)pyrimidin-5-yl]ethynyl]-~{N}-[3-imidazol-1-yl-5-(trifluoromethyl)phenyl]-4-methyl-benzamide 'C27 H21 F3 N6 O'
CL non-polymer 'CHLORIDE ION' 'Cl -1'
#
# COMPACT_ATOMS: atom_id res chain seq x y z
N TYR A 21 1.78 -31.36 15.54
CA TYR A 21 2.89 -30.60 14.98
C TYR A 21 2.93 -30.69 13.46
N SER A 22 2.30 -31.74 12.93
CA SER A 22 2.38 -32.12 11.52
C SER A 22 3.79 -32.62 11.21
N TYR A 23 4.50 -31.98 10.29
CA TYR A 23 5.77 -32.52 9.82
C TYR A 23 6.96 -32.03 10.63
N ILE A 24 6.97 -30.75 11.01
CA ILE A 24 8.10 -30.19 11.75
C ILE A 24 7.63 -29.72 13.11
N ASP A 25 8.54 -29.80 14.08
CA ASP A 25 8.33 -29.27 15.41
C ASP A 25 8.80 -27.82 15.45
N PRO A 26 7.89 -26.84 15.58
CA PRO A 26 8.34 -25.45 15.65
C PRO A 26 9.23 -25.15 16.84
N THR A 27 9.01 -25.83 17.97
CA THR A 27 9.81 -25.55 19.15
C THR A 27 11.28 -25.84 18.91
N GLN A 28 11.58 -26.81 18.05
CA GLN A 28 12.97 -27.17 17.77
C GLN A 28 13.61 -26.29 16.70
N LEU A 29 12.84 -25.49 15.98
CA LEU A 29 13.41 -24.57 15.01
C LEU A 29 14.19 -23.47 15.73
N PRO A 30 15.28 -23.01 15.16
CA PRO A 30 16.07 -21.95 15.79
C PRO A 30 15.47 -20.58 15.52
N TYR A 31 15.85 -19.63 16.36
CA TYR A 31 15.51 -18.22 16.17
C TYR A 31 16.79 -17.47 15.88
N ASP A 32 16.92 -16.99 14.65
CA ASP A 32 18.09 -16.21 14.27
C ASP A 32 18.03 -14.84 14.95
N HIS A 33 19.05 -14.54 15.75
CA HIS A 33 19.06 -13.29 16.51
C HIS A 33 19.31 -12.05 15.66
N LYS A 34 19.56 -12.21 14.35
CA LYS A 34 19.61 -11.05 13.47
C LYS A 34 18.27 -10.32 13.40
N TRP A 35 17.16 -10.98 13.75
CA TRP A 35 15.85 -10.32 13.75
C TRP A 35 15.63 -9.46 14.97
N GLU A 36 16.40 -9.65 16.04
CA GLU A 36 16.13 -8.96 17.30
C GLU A 36 16.19 -7.45 17.11
N PHE A 37 15.20 -6.76 17.67
CA PHE A 37 15.02 -5.32 17.54
C PHE A 37 14.71 -4.74 18.91
N PRO A 38 15.26 -3.57 19.24
CA PRO A 38 14.99 -2.98 20.57
C PRO A 38 13.54 -2.54 20.68
N ARG A 39 12.82 -3.07 21.67
CA ARG A 39 11.39 -2.78 21.80
C ARG A 39 11.13 -1.33 22.20
N ASN A 40 12.09 -0.65 22.81
CA ASN A 40 11.88 0.76 23.13
C ASN A 40 11.80 1.63 21.88
N ARG A 41 12.23 1.12 20.72
CA ARG A 41 12.18 1.88 19.48
C ARG A 41 10.86 1.70 18.74
N LEU A 42 9.85 1.08 19.35
CA LEU A 42 8.52 0.93 18.78
C LEU A 42 7.54 1.82 19.54
N SER A 43 6.73 2.57 18.79
CA SER A 43 5.63 3.33 19.36
CA SER A 43 5.62 3.32 19.37
C SER A 43 4.32 2.72 18.87
N PHE A 44 3.53 2.18 19.80
CA PHE A 44 2.29 1.49 19.43
C PHE A 44 1.20 2.48 19.06
N GLY A 45 0.41 2.13 18.04
CA GLY A 45 -0.72 2.92 17.60
C GLY A 45 -2.02 2.17 17.73
N LYS A 46 -2.90 2.31 16.74
CA LYS A 46 -4.23 1.69 16.80
C LYS A 46 -4.12 0.17 16.73
N THR A 47 -5.09 -0.50 17.36
CA THR A 47 -5.21 -1.95 17.26
C THR A 47 -5.85 -2.30 15.92
N LEU A 48 -5.19 -3.15 15.13
CA LEU A 48 -5.72 -3.55 13.83
C LEU A 48 -6.67 -4.73 13.94
N GLY A 49 -6.44 -5.61 14.92
CA GLY A 49 -7.32 -6.73 15.16
C GLY A 49 -6.92 -7.40 16.46
N ALA A 50 -7.89 -8.08 17.08
CA ALA A 50 -7.62 -8.71 18.36
C ALA A 50 -8.53 -9.91 18.57
N GLY A 51 -7.97 -10.97 19.15
CA GLY A 51 -8.72 -12.09 19.65
C GLY A 51 -8.76 -12.11 21.16
N ALA A 52 -9.13 -13.28 21.71
CA ALA A 52 -9.21 -13.42 23.16
C ALA A 52 -7.86 -13.19 23.83
N PHE A 53 -6.77 -13.68 23.22
CA PHE A 53 -5.46 -13.72 23.86
C PHE A 53 -4.39 -12.90 23.15
N GLY A 54 -4.59 -12.50 21.89
CA GLY A 54 -3.56 -11.82 21.14
C GLY A 54 -4.14 -10.71 20.31
N LYS A 55 -3.24 -9.89 19.76
CA LYS A 55 -3.69 -8.77 18.94
C LYS A 55 -2.56 -8.37 17.99
N VAL A 56 -2.94 -7.61 16.97
CA VAL A 56 -1.99 -6.98 16.06
C VAL A 56 -2.25 -5.49 16.11
N VAL A 57 -1.20 -4.71 16.37
CA VAL A 57 -1.32 -3.26 16.44
C VAL A 57 -0.42 -2.65 15.37
N GLU A 58 -0.87 -1.53 14.82
CA GLU A 58 -0.01 -0.69 14.01
C GLU A 58 1.00 0.01 14.90
N ALA A 59 2.23 0.18 14.39
CA ALA A 59 3.27 0.83 15.16
C ALA A 59 4.25 1.51 14.21
N THR A 60 5.03 2.44 14.77
CA THR A 60 6.15 3.04 14.08
C THR A 60 7.44 2.53 14.69
N ALA A 61 8.37 2.11 13.84
CA ALA A 61 9.67 1.62 14.28
C ALA A 61 10.72 2.66 13.93
N GLN A 62 11.41 3.17 14.94
CA GLN A 62 12.44 4.18 14.76
C GLN A 62 13.79 3.50 14.67
N GLY A 63 14.53 3.80 13.61
CA GLY A 63 15.81 3.16 13.39
C GLY A 63 15.74 1.77 12.81
N LEU A 64 14.57 1.34 12.33
CA LEU A 64 14.51 0.10 11.57
C LEU A 64 15.27 0.26 10.25
N ILE A 65 15.14 1.42 9.61
CA ILE A 65 15.94 1.76 8.45
C ILE A 65 17.22 2.44 8.93
N LYS A 66 18.27 2.38 8.10
CA LYS A 66 19.53 3.03 8.46
C LYS A 66 19.34 4.52 8.68
N SER A 67 18.46 5.16 7.90
CA SER A 67 18.08 6.54 8.16
C SER A 67 17.21 6.62 9.41
N ASP A 68 17.36 7.72 10.16
CA ASP A 68 16.61 7.89 11.40
C ASP A 68 15.10 7.86 11.16
N ALA A 69 14.64 8.06 9.92
CA ALA A 69 13.22 8.09 9.60
C ALA A 69 12.49 6.89 10.19
N ALA A 70 11.36 7.16 10.83
CA ALA A 70 10.51 6.12 11.39
C ALA A 70 9.58 5.57 10.33
N MET A 71 9.46 4.24 10.28
CA MET A 71 8.60 3.57 9.32
C MET A 71 7.47 2.84 10.04
N THR A 72 6.36 2.68 9.33
CA THR A 72 5.17 2.05 9.88
C THR A 72 5.23 0.54 9.70
N VAL A 73 4.90 -0.19 10.77
CA VAL A 73 4.94 -1.66 10.80
C VAL A 73 3.70 -2.16 11.53
N ALA A 74 3.53 -3.49 11.53
CA ALA A 74 2.51 -4.16 12.30
C ALA A 74 3.18 -5.09 13.29
N VAL A 75 2.63 -5.15 14.51
CA VAL A 75 3.24 -5.92 15.60
C VAL A 75 2.20 -6.84 16.20
N LYS A 76 2.53 -8.14 16.27
CA LYS A 76 1.68 -9.11 16.94
C LYS A 76 2.22 -9.36 18.33
N MET A 77 1.33 -9.36 19.32
CA MET A 77 1.70 -9.52 20.72
C MET A 77 0.53 -10.12 21.48
N LEU A 78 0.82 -10.71 22.64
CA LEU A 78 -0.23 -11.25 23.47
C LEU A 78 -0.74 -10.20 24.44
N LYS A 79 -1.97 -10.42 24.92
CA LYS A 79 -2.70 -9.62 25.89
C LYS A 79 -2.47 -10.19 27.29
N PRO A 80 -2.70 -9.40 28.35
CA PRO A 80 -2.58 -9.96 29.71
C PRO A 80 -3.54 -11.12 29.99
N SER A 81 -4.50 -11.38 29.10
CA SER A 81 -5.34 -12.58 29.22
C SER A 81 -4.62 -13.87 28.84
N ALA A 82 -3.45 -13.80 28.20
CA ALA A 82 -2.84 -15.00 27.63
C ALA A 82 -2.22 -15.89 28.71
N HIS A 83 -2.18 -17.19 28.42
CA HIS A 83 -1.63 -18.20 29.31
C HIS A 83 -0.32 -18.74 28.72
N SER A 84 0.22 -19.78 29.36
CA SER A 84 1.51 -20.33 28.92
C SER A 84 1.38 -20.98 27.55
N THR A 85 0.23 -21.58 27.24
CA THR A 85 0.01 -22.16 25.92
C THR A 85 0.17 -21.12 24.82
N GLU A 86 -0.44 -19.96 25.00
CA GLU A 86 -0.35 -18.93 23.97
C GLU A 86 1.05 -18.32 23.91
N ARG A 87 1.73 -18.22 25.06
CA ARG A 87 3.09 -17.71 25.05
C ARG A 87 4.01 -18.60 24.22
N GLU A 88 3.85 -19.92 24.32
CA GLU A 88 4.68 -20.81 23.52
C GLU A 88 4.27 -20.77 22.05
N ALA A 89 2.97 -20.65 21.78
CA ALA A 89 2.50 -20.59 20.40
C ALA A 89 3.10 -19.39 19.67
N LEU A 90 3.16 -18.23 20.33
CA LEU A 90 3.72 -17.04 19.67
C LEU A 90 5.22 -17.21 19.45
N MET A 91 5.94 -17.80 20.41
CA MET A 91 7.35 -18.05 20.19
C MET A 91 7.55 -19.06 19.07
N SER A 92 6.74 -20.11 19.04
CA SER A 92 6.81 -21.07 17.93
C SER A 92 6.53 -20.39 16.59
N GLU A 93 5.53 -19.51 16.55
CA GLU A 93 5.25 -18.72 15.35
C GLU A 93 6.49 -17.94 14.91
N LEU A 94 7.14 -17.27 15.85
CA LEU A 94 8.35 -16.52 15.49
C LEU A 94 9.43 -17.45 14.93
N LYS A 95 9.62 -18.62 15.55
CA LYS A 95 10.62 -19.55 15.04
C LYS A 95 10.30 -19.96 13.60
N VAL A 96 9.03 -20.27 13.33
CA VAL A 96 8.64 -20.69 11.97
C VAL A 96 8.90 -19.57 10.97
N LEU A 97 8.47 -18.34 11.31
CA LEU A 97 8.67 -17.24 10.38
C LEU A 97 10.15 -16.99 10.11
N SER A 98 10.98 -17.04 11.15
CA SER A 98 12.42 -16.88 10.94
CA SER A 98 12.42 -16.87 10.93
C SER A 98 12.98 -18.03 10.10
N TYR A 99 12.52 -19.26 10.36
CA TYR A 99 12.97 -20.42 9.60
C TYR A 99 12.57 -20.33 8.13
N LEU A 100 11.37 -19.80 7.85
CA LEU A 100 10.93 -19.68 6.46
C LEU A 100 11.79 -18.68 5.69
N GLY A 101 12.18 -17.58 6.33
CA GLY A 101 12.86 -16.50 5.63
C GLY A 101 11.90 -15.69 4.76
N ASN A 102 12.47 -14.70 4.08
CA ASN A 102 11.67 -13.83 3.25
C ASN A 102 11.23 -14.54 1.98
N HIS A 103 10.00 -14.25 1.55
CA HIS A 103 9.45 -14.78 0.31
C HIS A 103 8.36 -13.83 -0.16
N GLU A 104 8.29 -13.62 -1.48
CA GLU A 104 7.51 -12.51 -2.00
C GLU A 104 6.01 -12.70 -1.81
N ASN A 105 5.52 -13.93 -1.69
CA ASN A 105 4.09 -14.14 -1.54
C ASN A 105 3.66 -14.33 -0.09
N ILE A 106 4.56 -14.09 0.86
CA ILE A 106 4.32 -14.27 2.29
C ILE A 106 4.52 -12.93 2.97
N VAL A 107 3.74 -12.67 4.04
CA VAL A 107 3.90 -11.41 4.77
C VAL A 107 5.33 -11.31 5.29
N ASN A 108 5.93 -10.13 5.16
CA ASN A 108 7.36 -9.94 5.41
C ASN A 108 7.62 -9.75 6.90
N LEU A 109 8.24 -10.74 7.54
CA LEU A 109 8.80 -10.53 8.86
C LEU A 109 9.92 -9.49 8.79
N LEU A 110 9.89 -8.54 9.72
CA LEU A 110 10.91 -7.49 9.74
C LEU A 110 11.78 -7.55 10.97
N GLY A 111 11.27 -8.05 12.08
CA GLY A 111 12.03 -8.09 13.31
C GLY A 111 11.23 -8.76 14.40
N ALA A 112 11.81 -8.75 15.61
CA ALA A 112 11.16 -9.35 16.75
C ALA A 112 11.81 -8.83 18.02
N CYS A 113 11.07 -8.93 19.12
CA CYS A 113 11.54 -8.56 20.45
C CYS A 113 11.31 -9.77 21.35
N THR A 114 12.41 -10.37 21.83
CA THR A 114 12.33 -11.61 22.58
C THR A 114 12.84 -11.50 24.01
N HIS A 115 13.70 -10.55 24.34
CA HIS A 115 14.12 -10.38 25.71
C HIS A 115 13.83 -8.95 26.15
N GLY A 116 13.84 -8.75 27.46
CA GLY A 116 13.40 -7.50 28.05
C GLY A 116 11.91 -7.34 28.10
N GLY A 117 11.15 -8.41 27.86
CA GLY A 117 9.71 -8.35 27.90
C GLY A 117 9.04 -9.41 27.05
N PRO A 118 7.74 -9.25 26.82
CA PRO A 118 6.99 -10.25 26.06
C PRO A 118 7.39 -10.29 24.59
N THR A 119 7.06 -11.41 23.95
CA THR A 119 7.41 -11.61 22.55
C THR A 119 6.62 -10.66 21.65
N LEU A 120 7.34 -9.93 20.79
CA LEU A 120 6.73 -9.10 19.77
C LEU A 120 7.21 -9.58 18.41
N VAL A 121 6.28 -9.73 17.47
CA VAL A 121 6.59 -10.15 16.11
C VAL A 121 6.25 -8.99 15.18
N ILE A 122 7.26 -8.48 14.47
CA ILE A 122 7.14 -7.26 13.66
C ILE A 122 7.14 -7.65 12.19
N THR A 123 6.08 -7.28 11.47
CA THR A 123 5.99 -7.50 10.04
C THR A 123 5.74 -6.18 9.32
N GLU A 124 5.77 -6.25 8.00
CA GLU A 124 5.36 -5.12 7.18
C GLU A 124 3.89 -4.76 7.46
N TYR A 125 3.58 -3.48 7.25
CA TYR A 125 2.20 -3.00 7.24
C TYR A 125 1.69 -3.05 5.81
N CYS A 126 0.62 -3.81 5.57
CA CYS A 126 0.02 -3.98 4.25
C CYS A 126 -1.17 -3.03 4.12
N CYS A 127 -1.09 -2.09 3.18
CA CYS A 127 -1.96 -0.92 3.21
C CYS A 127 -3.42 -1.24 2.89
N TYR A 128 -3.69 -2.30 2.11
CA TYR A 128 -5.03 -2.53 1.60
C TYR A 128 -5.80 -3.58 2.39
N GLY A 129 -5.28 -4.03 3.52
CA GLY A 129 -6.06 -4.89 4.39
C GLY A 129 -6.23 -6.31 3.85
N ASP A 130 -7.18 -7.01 4.46
CA ASP A 130 -7.36 -8.41 4.15
C ASP A 130 -8.20 -8.58 2.89
N LEU A 131 -7.95 -9.69 2.19
CA LEU A 131 -8.55 -9.90 0.88
C LEU A 131 -10.06 -10.09 0.96
N LEU A 132 -10.56 -10.70 2.05
CA LEU A 132 -12.00 -10.95 2.14
C LEU A 132 -12.78 -9.65 2.18
N ASN A 133 -12.34 -8.70 3.02
CA ASN A 133 -13.01 -7.40 3.08
C ASN A 133 -12.85 -6.65 1.76
N PHE A 134 -11.68 -6.76 1.13
CA PHE A 134 -11.44 -6.13 -0.16
C PHE A 134 -12.44 -6.63 -1.19
N LEU A 135 -12.58 -7.95 -1.31
CA LEU A 135 -13.51 -8.52 -2.28
C LEU A 135 -14.94 -8.04 -2.02
N ARG A 136 -15.34 -7.93 -0.76
CA ARG A 136 -16.71 -7.56 -0.44
C ARG A 136 -16.99 -6.09 -0.74
N ARG A 137 -16.01 -5.21 -0.51
CA ARG A 137 -16.26 -3.81 -0.83
C ARG A 137 -16.04 -3.50 -2.30
N LYS A 138 -15.42 -4.40 -3.06
CA LYS A 138 -15.29 -4.22 -4.49
C LYS A 138 -16.35 -5.00 -5.29
N ARG A 139 -17.14 -5.85 -4.62
CA ARG A 139 -17.98 -6.79 -5.34
C ARG A 139 -18.92 -6.08 -6.31
N ASP A 140 -19.61 -5.04 -5.85
CA ASP A 140 -20.66 -4.43 -6.65
C ASP A 140 -20.14 -3.78 -7.93
N GLU A 141 -18.86 -3.39 -7.97
CA GLU A 141 -18.28 -2.73 -9.14
C GLU A 141 -17.28 -3.64 -9.87
N PHE A 142 -17.49 -4.95 -9.81
CA PHE A 142 -16.59 -5.89 -10.45
C PHE A 142 -16.73 -5.84 -11.96
N VAL A 143 -15.60 -5.89 -12.65
CA VAL A 143 -15.55 -5.83 -14.11
C VAL A 143 -15.02 -7.15 -14.66
N PRO A 144 -15.83 -7.93 -15.38
CA PRO A 144 -15.34 -9.22 -15.87
C PRO A 144 -14.28 -9.12 -16.97
N TYR A 145 -14.29 -8.10 -17.80
CA TYR A 145 -13.40 -8.05 -18.94
C TYR A 145 -12.50 -6.83 -18.80
N LYS A 146 -12.80 -5.72 -19.47
CA LYS A 146 -11.87 -4.60 -19.55
C LYS A 146 -12.40 -3.35 -18.86
N VAL A 147 -11.48 -2.56 -18.30
CA VAL A 147 -11.79 -1.28 -17.69
C VAL A 147 -11.45 -0.17 -18.66
N ALA A 148 -12.36 0.80 -18.82
CA ALA A 148 -12.10 1.95 -19.69
C ALA A 148 -11.02 2.85 -19.10
N ASP A 151 -10.97 5.76 -16.73
CA ASP A 151 -11.68 4.89 -15.79
C ASP A 151 -10.73 4.01 -14.98
N LEU A 152 -9.48 3.91 -15.44
CA LEU A 152 -8.49 3.09 -14.72
C LEU A 152 -8.31 3.55 -13.29
N TYR A 153 -8.52 4.84 -13.02
CA TYR A 153 -8.25 5.40 -11.70
C TYR A 153 -9.21 4.85 -10.64
N LYS A 154 -10.34 4.26 -11.04
CA LYS A 154 -11.34 3.80 -10.10
C LYS A 154 -10.90 2.57 -9.31
N ASP A 155 -9.84 1.89 -9.72
CA ASP A 155 -9.38 0.66 -9.05
C ASP A 155 -10.51 -0.37 -8.97
N PHE A 156 -11.20 -0.56 -10.09
CA PHE A 156 -12.20 -1.61 -10.19
C PHE A 156 -11.55 -2.98 -10.09
N LEU A 157 -12.19 -3.88 -9.36
CA LEU A 157 -11.76 -5.27 -9.34
C LEU A 157 -12.10 -5.92 -10.68
N THR A 158 -11.14 -6.66 -11.24
CA THR A 158 -11.29 -7.28 -12.55
C THR A 158 -11.04 -8.78 -12.44
N LEU A 159 -11.41 -9.48 -13.51
CA LEU A 159 -11.10 -10.91 -13.60
C LEU A 159 -9.59 -11.14 -13.64
N GLU A 160 -8.86 -10.28 -14.34
CA GLU A 160 -7.41 -10.37 -14.34
C GLU A 160 -6.85 -10.34 -12.92
N HIS A 161 -7.41 -9.46 -12.07
CA HIS A 161 -6.94 -9.38 -10.69
C HIS A 161 -7.20 -10.68 -9.94
N LEU A 162 -8.39 -11.27 -10.12
CA LEU A 162 -8.70 -12.50 -9.40
C LEU A 162 -7.78 -13.64 -9.82
N LEU A 163 -7.49 -13.74 -11.13
CA LEU A 163 -6.54 -14.76 -11.57
C LEU A 163 -5.18 -14.54 -10.95
N SER A 164 -4.71 -13.30 -10.93
CA SER A 164 -3.42 -13.02 -10.32
C SER A 164 -3.41 -13.36 -8.83
N PHE A 165 -4.49 -13.02 -8.13
CA PHE A 165 -4.61 -13.37 -6.71
C PHE A 165 -4.44 -14.87 -6.50
N SER A 166 -5.15 -15.67 -7.29
CA SER A 166 -5.11 -17.11 -7.12
C SER A 166 -3.74 -17.68 -7.48
N TYR A 167 -3.05 -17.03 -8.43
CA TYR A 167 -1.70 -17.44 -8.79
C TYR A 167 -0.71 -17.15 -7.67
N GLN A 168 -0.77 -15.93 -7.12
CA GLN A 168 0.16 -15.55 -6.06
C GLN A 168 -0.04 -16.41 -4.81
N VAL A 169 -1.28 -16.68 -4.43
CA VAL A 169 -1.52 -17.48 -3.23
C VAL A 169 -1.05 -18.91 -3.44
N ALA A 170 -1.24 -19.46 -4.65
CA ALA A 170 -0.75 -20.80 -4.95
C ALA A 170 0.78 -20.87 -4.88
N LYS A 171 1.48 -19.85 -5.40
CA LYS A 171 2.93 -19.83 -5.30
C LYS A 171 3.38 -19.72 -3.84
N GLY A 172 2.68 -18.92 -3.04
CA GLY A 172 3.02 -18.81 -1.64
C GLY A 172 2.85 -20.12 -0.91
N MET A 173 1.77 -20.86 -1.21
CA MET A 173 1.56 -22.15 -0.57
C MET A 173 2.56 -23.20 -1.06
N ALA A 174 2.96 -23.16 -2.34
CA ALA A 174 4.00 -24.06 -2.81
C ALA A 174 5.30 -23.84 -2.06
N PHE A 175 5.61 -22.59 -1.75
CA PHE A 175 6.79 -22.29 -0.95
C PHE A 175 6.66 -22.89 0.46
N LEU A 176 5.53 -22.63 1.12
CA LEU A 176 5.31 -23.22 2.45
C LEU A 176 5.44 -24.74 2.41
N ALA A 177 4.86 -25.37 1.38
CA ALA A 177 4.96 -26.81 1.26
C ALA A 177 6.41 -27.25 1.10
N SER A 178 7.18 -26.53 0.27
CA SER A 178 8.58 -26.87 0.07
C SER A 178 9.40 -26.74 1.35
N LYS A 179 8.92 -25.96 2.32
CA LYS A 179 9.56 -25.86 3.63
C LYS A 179 8.88 -26.76 4.67
N ASN A 180 8.04 -27.69 4.22
CA ASN A 180 7.36 -28.66 5.08
C ASN A 180 6.48 -27.97 6.12
N CYS A 181 5.88 -26.86 5.73
CA CYS A 181 5.04 -26.05 6.62
CA CYS A 181 5.03 -26.08 6.62
C CYS A 181 3.58 -26.18 6.20
N ILE A 182 2.73 -26.57 7.13
CA ILE A 182 1.28 -26.64 6.92
C ILE A 182 0.67 -25.38 7.50
N HIS A 183 -0.22 -24.74 6.74
CA HIS A 183 -0.82 -23.49 7.18
C HIS A 183 -1.94 -23.73 8.19
N ARG A 184 -2.88 -24.60 7.87
CA ARG A 184 -4.02 -25.06 8.67
C ARG A 184 -5.22 -24.10 8.65
N ASP A 185 -5.07 -22.85 8.20
CA ASP A 185 -6.21 -21.90 8.17
C ASP A 185 -6.13 -21.01 6.93
N LEU A 186 -5.87 -21.61 5.77
CA LEU A 186 -5.84 -20.83 4.54
C LEU A 186 -7.26 -20.40 4.19
N ALA A 187 -7.44 -19.10 3.96
CA ALA A 187 -8.73 -18.51 3.66
C ALA A 187 -8.49 -17.04 3.31
N ALA A 188 -9.47 -16.44 2.62
CA ALA A 188 -9.28 -15.08 2.14
C ALA A 188 -9.03 -14.10 3.28
N ARG A 189 -9.65 -14.34 4.44
CA ARG A 189 -9.44 -13.50 5.61
C ARG A 189 -7.99 -13.52 6.10
N ASN A 190 -7.22 -14.54 5.74
CA ASN A 190 -5.80 -14.65 6.09
C ASN A 190 -4.89 -14.27 4.93
N ILE A 191 -5.37 -13.45 4.00
CA ILE A 191 -4.56 -12.95 2.89
C ILE A 191 -4.57 -11.43 3.00
N LEU A 192 -3.40 -10.82 3.05
CA LEU A 192 -3.28 -9.37 3.04
C LEU A 192 -2.97 -8.87 1.63
N LEU A 193 -3.19 -7.58 1.44
CA LEU A 193 -3.09 -6.94 0.13
C LEU A 193 -2.23 -5.69 0.25
N THR A 194 -1.26 -5.57 -0.65
CA THR A 194 -0.45 -4.36 -0.79
C THR A 194 -0.77 -3.70 -2.13
N HIS A 195 -0.05 -2.62 -2.43
CA HIS A 195 -0.37 -1.87 -3.64
C HIS A 195 0.06 -2.63 -4.88
N GLY A 196 -0.68 -2.42 -5.97
CA GLY A 196 -0.51 -3.20 -7.18
C GLY A 196 -1.24 -4.51 -7.17
N ASN A 197 -2.06 -4.77 -6.15
CA ASN A 197 -2.78 -6.03 -5.99
C ASN A 197 -1.79 -7.20 -5.89
N ILE A 198 -0.87 -7.08 -4.96
CA ILE A 198 0.02 -8.15 -4.54
C ILE A 198 -0.53 -8.70 -3.23
N THR A 199 -0.66 -10.03 -3.15
CA THR A 199 -1.16 -10.69 -1.95
C THR A 199 0.00 -11.18 -1.10
N LYS A 200 -0.26 -11.29 0.20
CA LYS A 200 0.67 -11.86 1.16
C LYS A 200 -0.09 -12.84 2.03
N ILE A 201 0.32 -14.11 2.01
CA ILE A 201 -0.28 -15.07 2.91
C ILE A 201 0.10 -14.74 4.35
N CYS A 202 -0.86 -14.85 5.26
CA CYS A 202 -0.71 -14.53 6.67
CA CYS A 202 -0.59 -14.61 6.67
C CYS A 202 -1.38 -15.61 7.50
N ASP A 203 -1.17 -15.54 8.83
CA ASP A 203 -1.89 -16.36 9.81
C ASP A 203 -2.12 -15.47 11.02
N PHE A 204 -3.30 -14.86 11.12
CA PHE A 204 -3.53 -13.94 12.24
C PHE A 204 -3.74 -14.68 13.55
N GLY A 205 -4.15 -15.95 13.49
CA GLY A 205 -4.27 -16.82 14.64
C GLY A 205 -4.88 -16.21 15.87
N LEU A 206 -4.06 -16.04 16.91
CA LEU A 206 -4.59 -15.58 18.19
C LEU A 206 -5.04 -14.13 18.15
N ALA A 207 -4.68 -13.37 17.12
CA ALA A 207 -5.12 -12.00 16.96
C ALA A 207 -6.49 -11.90 16.26
N ARG A 208 -7.14 -13.02 15.99
CA ARG A 208 -8.48 -13.02 15.41
C ARG A 208 -9.48 -13.48 16.45
N ASP A 209 -10.57 -12.72 16.60
CA ASP A 209 -11.66 -13.05 17.52
C ASP A 209 -12.47 -14.20 16.91
N ILE A 210 -11.88 -15.40 16.97
CA ILE A 210 -12.57 -16.56 16.43
C ILE A 210 -13.81 -16.91 17.26
N LYS A 211 -13.85 -16.45 18.51
CA LYS A 211 -15.01 -16.71 19.36
C LYS A 211 -16.28 -16.15 18.75
N ASN A 212 -16.21 -14.97 18.14
CA ASN A 212 -17.39 -14.30 17.60
C ASN A 212 -17.35 -14.19 16.07
N ASP A 213 -16.56 -15.03 15.40
CA ASP A 213 -16.51 -15.11 13.95
C ASP A 213 -17.30 -16.33 13.52
N SER A 214 -18.38 -16.09 12.76
CA SER A 214 -19.27 -17.18 12.41
C SER A 214 -18.62 -18.19 11.47
N ASN A 215 -17.50 -17.83 10.86
CA ASN A 215 -16.80 -18.76 9.98
C ASN A 215 -16.00 -19.81 10.75
N TYR A 216 -15.90 -19.67 12.07
CA TYR A 216 -15.32 -20.69 12.94
C TYR A 216 -16.44 -21.32 13.75
N VAL A 217 -16.35 -22.64 13.93
CA VAL A 217 -17.47 -23.43 14.45
C VAL A 217 -16.98 -24.30 15.61
N ASP A 218 -17.80 -24.38 16.65
CA ASP A 218 -17.50 -25.28 17.76
C ASP A 218 -17.48 -26.72 17.29
N LYS A 219 -16.39 -27.42 17.60
CA LYS A 219 -16.29 -28.85 17.29
C LYS A 219 -15.40 -29.47 18.36
N GLY A 220 -15.98 -30.30 19.22
CA GLY A 220 -15.27 -30.73 20.40
C GLY A 220 -15.01 -29.55 21.32
N ASN A 221 -13.80 -29.48 21.84
CA ASN A 221 -13.40 -28.38 22.71
C ASN A 221 -12.70 -27.26 21.94
N ALA A 222 -12.76 -27.26 20.62
CA ALA A 222 -12.06 -26.29 19.78
C ALA A 222 -13.07 -25.55 18.90
N ARG A 223 -12.59 -24.46 18.31
CA ARG A 223 -13.39 -23.61 17.41
C ARG A 223 -12.63 -23.50 16.10
N LEU A 224 -13.17 -24.13 15.06
CA LEU A 224 -12.41 -24.44 13.86
C LEU A 224 -13.11 -23.91 12.61
N PRO A 225 -12.34 -23.61 11.56
CA PRO A 225 -12.91 -23.17 10.26
C PRO A 225 -13.38 -24.34 9.41
N VAL A 226 -14.45 -24.98 9.86
CA VAL A 226 -14.86 -26.28 9.32
C VAL A 226 -15.13 -26.20 7.81
N LYS A 227 -15.76 -25.11 7.35
CA LYS A 227 -16.13 -25.03 5.93
C LYS A 227 -14.91 -24.97 5.02
N TRP A 228 -13.74 -24.63 5.54
CA TRP A 228 -12.50 -24.65 4.77
C TRP A 228 -11.71 -25.95 4.94
N MET A 229 -12.17 -26.86 5.80
CA MET A 229 -11.35 -27.99 6.22
C MET A 229 -11.65 -29.23 5.39
N ALA A 230 -10.60 -30.01 5.12
CA ALA A 230 -10.74 -31.26 4.41
C ALA A 230 -11.41 -32.31 5.28
N PRO A 231 -12.03 -33.33 4.68
CA PRO A 231 -12.70 -34.37 5.49
C PRO A 231 -11.77 -35.09 6.44
N GLU A 232 -10.56 -35.46 5.99
CA GLU A 232 -9.65 -36.17 6.89
C GLU A 232 -9.27 -35.30 8.09
N SER A 233 -9.14 -33.98 7.89
CA SER A 233 -8.83 -33.10 9.02
C SER A 233 -9.99 -33.06 10.00
N ILE A 234 -11.23 -32.98 9.50
CA ILE A 234 -12.39 -32.88 10.38
C ILE A 234 -12.52 -34.15 11.23
N PHE A 235 -12.36 -35.31 10.62
CA PHE A 235 -12.75 -36.55 11.28
C PHE A 235 -11.61 -37.21 12.05
N ASN A 236 -10.35 -36.83 11.81
CA ASN A 236 -9.27 -37.33 12.66
C ASN A 236 -8.12 -36.34 12.80
N SER A 237 -8.40 -35.05 12.71
CA SER A 237 -7.48 -33.98 13.12
C SER A 237 -6.10 -34.11 12.47
N VAL A 238 -6.07 -34.57 11.22
CA VAL A 238 -4.82 -34.66 10.46
C VAL A 238 -4.71 -33.43 9.57
N TYR A 239 -3.52 -32.83 9.55
CA TYR A 239 -3.21 -31.71 8.67
C TYR A 239 -2.00 -32.06 7.82
N THR A 240 -2.17 -32.05 6.50
CA THR A 240 -1.12 -32.46 5.57
C THR A 240 -0.96 -31.39 4.51
N PHE A 241 0.04 -31.59 3.65
CA PHE A 241 0.10 -30.88 2.38
C PHE A 241 -1.25 -30.89 1.70
N GLU A 242 -1.92 -32.05 1.71
CA GLU A 242 -3.12 -32.22 0.89
C GLU A 242 -4.34 -31.55 1.53
N SER A 243 -4.35 -31.43 2.87
CA SER A 243 -5.44 -30.74 3.53
C SER A 243 -5.37 -29.23 3.33
N ASP A 244 -4.16 -28.67 3.20
CA ASP A 244 -4.04 -27.28 2.79
C ASP A 244 -4.57 -27.06 1.39
N VAL A 245 -4.36 -28.03 0.48
CA VAL A 245 -4.84 -27.90 -0.89
C VAL A 245 -6.36 -27.87 -0.93
N TRP A 246 -7.00 -28.69 -0.10
CA TRP A 246 -8.47 -28.60 0.03
C TRP A 246 -8.89 -27.18 0.40
N SER A 247 -8.26 -26.61 1.43
CA SER A 247 -8.57 -25.25 1.85
C SER A 247 -8.36 -24.25 0.74
N TYR A 248 -7.33 -24.46 -0.09
CA TYR A 248 -7.12 -23.56 -1.23
C TYR A 248 -8.31 -23.59 -2.17
N GLY A 249 -8.87 -24.77 -2.43
CA GLY A 249 -10.05 -24.86 -3.28
C GLY A 249 -11.21 -24.04 -2.75
N ILE A 250 -11.45 -24.11 -1.43
CA ILE A 250 -12.47 -23.27 -0.81
C ILE A 250 -12.14 -21.81 -0.99
N PHE A 251 -10.84 -21.47 -0.85
CA PHE A 251 -10.40 -20.09 -1.04
C PHE A 251 -10.71 -19.58 -2.44
N LEU A 252 -10.51 -20.44 -3.46
CA LEU A 252 -10.85 -20.05 -4.82
C LEU A 252 -12.33 -19.77 -4.97
N TRP A 253 -13.16 -20.56 -4.30
CA TRP A 253 -14.60 -20.31 -4.32
C TRP A 253 -14.91 -18.94 -3.71
N GLU A 254 -14.28 -18.62 -2.57
CA GLU A 254 -14.41 -17.28 -2.00
C GLU A 254 -14.04 -16.22 -3.02
N LEU A 255 -12.91 -16.41 -3.70
CA LEU A 255 -12.39 -15.40 -4.61
C LEU A 255 -13.38 -15.12 -5.73
N PHE A 256 -13.82 -16.17 -6.42
CA PHE A 256 -14.64 -16.01 -7.61
C PHE A 256 -16.13 -15.91 -7.30
N SER A 257 -16.51 -15.97 -6.03
CA SER A 257 -17.81 -15.50 -5.57
C SER A 257 -17.72 -14.07 -5.06
N LEU A 258 -16.53 -13.46 -5.11
CA LEU A 258 -16.31 -12.07 -4.71
C LEU A 258 -16.57 -11.87 -3.22
N GLY A 259 -16.18 -12.84 -2.42
CA GLY A 259 -16.18 -12.68 -0.98
C GLY A 259 -17.36 -13.30 -0.26
N SER A 260 -18.09 -14.19 -0.90
CA SER A 260 -19.20 -14.85 -0.24
CA SER A 260 -19.20 -14.86 -0.25
C SER A 260 -18.70 -15.98 0.66
N SER A 261 -19.49 -16.29 1.68
CA SER A 261 -19.18 -17.39 2.59
C SER A 261 -19.47 -18.71 1.89
N PRO A 262 -18.63 -19.72 2.07
CA PRO A 262 -18.86 -21.02 1.41
C PRO A 262 -20.07 -21.75 1.95
N TYR A 263 -20.59 -22.66 1.14
CA TYR A 263 -21.79 -23.43 1.44
C TYR A 263 -22.93 -22.54 1.95
N PRO A 264 -23.40 -21.57 1.14
CA PRO A 264 -24.31 -20.55 1.67
C PRO A 264 -25.62 -21.18 2.13
N GLY A 265 -26.21 -20.57 3.17
CA GLY A 265 -27.47 -21.07 3.70
C GLY A 265 -27.41 -22.52 4.13
N MET A 266 -26.31 -22.91 4.75
CA MET A 266 -26.08 -24.31 5.11
C MET A 266 -25.30 -24.33 6.41
N PRO A 267 -25.97 -24.55 7.54
CA PRO A 267 -25.27 -24.55 8.82
C PRO A 267 -24.36 -25.76 8.96
N VAL A 268 -23.37 -25.64 9.83
CA VAL A 268 -22.45 -26.74 10.11
C VAL A 268 -23.10 -27.59 11.20
N ASP A 269 -23.49 -28.82 10.85
CA ASP A 269 -24.15 -29.73 11.76
C ASP A 269 -23.91 -31.15 11.26
N SER A 270 -24.65 -32.11 11.81
CA SER A 270 -24.47 -33.50 11.42
C SER A 270 -24.73 -33.70 9.93
N LYS A 271 -25.75 -33.02 9.38
CA LYS A 271 -26.02 -33.14 7.95
C LYS A 271 -24.85 -32.63 7.11
N PHE A 272 -24.23 -31.53 7.55
CA PHE A 272 -23.10 -30.98 6.79
C PHE A 272 -21.97 -31.99 6.69
N TYR A 273 -21.57 -32.57 7.83
CA TYR A 273 -20.47 -33.53 7.82
C TYR A 273 -20.81 -34.76 7.00
N LYS A 274 -22.03 -35.27 7.14
CA LYS A 274 -22.46 -36.41 6.33
C LYS A 274 -22.39 -36.08 4.84
N MET A 275 -22.91 -34.91 4.45
CA MET A 275 -22.95 -34.58 3.04
C MET A 275 -21.55 -34.39 2.45
N ILE A 276 -20.65 -33.77 3.22
CA ILE A 276 -19.27 -33.63 2.75
C ILE A 276 -18.60 -34.99 2.63
N LYS A 277 -18.79 -35.85 3.63
CA LYS A 277 -18.15 -37.17 3.60
C LYS A 277 -18.67 -38.02 2.45
N GLU A 278 -19.94 -37.85 2.08
CA GLU A 278 -20.53 -38.64 1.01
C GLU A 278 -20.31 -38.05 -0.38
N GLY A 279 -19.65 -36.89 -0.47
CA GLY A 279 -19.22 -36.37 -1.74
C GLY A 279 -19.93 -35.13 -2.25
N PHE A 280 -20.76 -34.48 -1.44
CA PHE A 280 -21.35 -33.21 -1.85
C PHE A 280 -20.25 -32.16 -1.98
N ARG A 281 -20.32 -31.38 -3.06
CA ARG A 281 -19.37 -30.33 -3.33
C ARG A 281 -20.11 -29.10 -3.83
N MET A 282 -19.56 -27.92 -3.53
CA MET A 282 -20.19 -26.69 -4.00
C MET A 282 -20.19 -26.61 -5.52
N SER A 283 -21.20 -25.93 -6.05
CA SER A 283 -21.23 -25.55 -7.45
C SER A 283 -20.31 -24.37 -7.70
N SER A 284 -20.04 -24.11 -8.98
CA SER A 284 -19.11 -23.05 -9.34
C SER A 284 -19.68 -21.68 -8.96
N PRO A 285 -18.87 -20.79 -8.40
CA PRO A 285 -19.33 -19.43 -8.14
C PRO A 285 -19.58 -18.68 -9.45
N GLU A 286 -20.39 -17.62 -9.34
CA GLU A 286 -20.92 -16.92 -10.52
C GLU A 286 -19.82 -16.42 -11.45
N TYR A 287 -18.66 -16.06 -10.92
CA TYR A 287 -17.60 -15.44 -11.72
C TYR A 287 -16.41 -16.36 -11.98
N ALA A 288 -16.50 -17.64 -11.67
CA ALA A 288 -15.34 -18.53 -11.82
C ALA A 288 -15.18 -18.99 -13.26
N PRO A 289 -14.02 -18.78 -13.89
CA PRO A 289 -13.75 -19.46 -15.16
C PRO A 289 -13.83 -20.97 -14.98
N ALA A 290 -14.32 -21.66 -16.02
CA ALA A 290 -14.51 -23.10 -15.92
C ALA A 290 -13.22 -23.83 -15.53
N GLU A 291 -12.06 -23.35 -16.01
CA GLU A 291 -10.79 -24.01 -15.67
C GLU A 291 -10.37 -23.74 -14.23
N MET A 292 -10.79 -22.62 -13.65
CA MET A 292 -10.55 -22.42 -12.22
C MET A 292 -11.49 -23.31 -11.40
N TYR A 293 -12.72 -23.50 -11.84
CA TYR A 293 -13.61 -24.42 -11.14
C TYR A 293 -13.09 -25.85 -11.25
N ASP A 294 -12.49 -26.21 -12.39
CA ASP A 294 -11.83 -27.51 -12.51
C ASP A 294 -10.81 -27.71 -11.40
N ILE A 295 -10.04 -26.67 -11.09
CA ILE A 295 -9.06 -26.76 -10.01
C ILE A 295 -9.75 -26.98 -8.67
N MET A 296 -10.84 -26.24 -8.42
CA MET A 296 -11.60 -26.42 -7.18
C MET A 296 -12.04 -27.88 -7.00
N LYS A 297 -12.56 -28.50 -8.06
CA LYS A 297 -13.07 -29.85 -7.93
C LYS A 297 -11.97 -30.85 -7.59
N THR A 298 -10.79 -30.66 -8.18
CA THR A 298 -9.69 -31.56 -7.86
C THR A 298 -9.17 -31.32 -6.44
N CYS A 299 -9.13 -30.05 -6.02
CA CYS A 299 -8.75 -29.75 -4.63
C CYS A 299 -9.68 -30.43 -3.64
N TRP A 300 -10.94 -30.65 -4.03
CA TRP A 300 -11.94 -31.22 -3.14
C TRP A 300 -12.12 -32.72 -3.34
N ASP A 301 -11.13 -33.39 -3.92
CA ASP A 301 -11.25 -34.83 -4.11
C ASP A 301 -11.24 -35.52 -2.75
N ALA A 302 -12.14 -36.49 -2.60
CA ALA A 302 -12.21 -37.23 -1.35
C ALA A 302 -10.90 -37.94 -1.05
N ASP A 303 -10.21 -38.42 -2.08
CA ASP A 303 -8.90 -39.03 -1.91
C ASP A 303 -7.83 -37.95 -1.92
N PRO A 304 -7.15 -37.69 -0.80
CA PRO A 304 -6.10 -36.65 -0.80
C PRO A 304 -4.97 -36.91 -1.79
N ASP A 305 -4.76 -38.17 -2.19
CA ASP A 305 -3.73 -38.47 -3.17
C ASP A 305 -4.10 -38.05 -4.58
N LYS A 306 -5.41 -37.92 -4.88
CA LYS A 306 -5.84 -37.42 -6.18
C LYS A 306 -5.89 -35.90 -6.24
N ARG A 307 -5.77 -35.21 -5.11
CA ARG A 307 -5.70 -33.76 -5.14
C ARG A 307 -4.39 -33.32 -5.81
N PRO A 308 -4.41 -32.19 -6.49
CA PRO A 308 -3.17 -31.65 -7.06
C PRO A 308 -2.27 -31.09 -5.97
N THR A 309 -0.99 -30.92 -6.32
CA THR A 309 -0.10 -30.21 -5.42
C THR A 309 -0.17 -28.71 -5.71
N PHE A 310 0.34 -27.91 -4.77
CA PHE A 310 0.39 -26.48 -5.03
C PHE A 310 1.28 -26.16 -6.22
N LYS A 311 2.39 -26.90 -6.38
CA LYS A 311 3.24 -26.69 -7.54
C LYS A 311 2.48 -26.94 -8.84
N GLN A 312 1.70 -28.02 -8.90
CA GLN A 312 0.87 -28.28 -10.08
C GLN A 312 -0.16 -27.18 -10.27
N ILE A 313 -0.74 -26.67 -9.19
CA ILE A 313 -1.74 -25.60 -9.32
C ILE A 313 -1.09 -24.35 -9.91
N VAL A 314 0.12 -24.03 -9.47
CA VAL A 314 0.86 -22.89 -10.01
C VAL A 314 1.06 -23.05 -11.52
N GLN A 315 1.44 -24.25 -11.97
CA GLN A 315 1.66 -24.41 -13.41
C GLN A 315 0.35 -24.29 -14.17
N ASP A 316 -0.73 -24.85 -13.62
CA ASP A 316 -2.05 -24.73 -14.25
C ASP A 316 -2.44 -23.26 -14.43
N ILE A 317 -2.42 -22.48 -13.35
CA ILE A 317 -2.88 -21.10 -13.42
C ILE A 317 -1.98 -20.29 -14.35
N GLU A 318 -0.67 -20.53 -14.30
CA GLU A 318 0.24 -19.79 -15.16
C GLU A 318 -0.17 -19.89 -16.63
N LYS A 319 -0.53 -21.10 -17.08
CA LYS A 319 -0.97 -21.28 -18.45
C LYS A 319 -2.28 -20.56 -18.73
N GLN A 320 -3.22 -20.60 -17.77
CA GLN A 320 -4.47 -19.87 -17.94
C GLN A 320 -4.23 -18.37 -18.16
N ILE A 321 -3.32 -17.79 -17.38
CA ILE A 321 -3.02 -16.37 -17.52
C ILE A 321 -2.39 -16.08 -18.88
N SER A 322 -1.51 -16.97 -19.35
CA SER A 322 -0.91 -16.82 -20.68
C SER A 322 -1.97 -16.69 -21.76
N GLU A 323 -2.95 -17.59 -21.74
CA GLU A 323 -4.02 -17.63 -22.73
C GLU A 323 -5.08 -16.55 -22.52
N SER A 324 -5.13 -15.92 -21.34
CA SER A 324 -6.11 -14.89 -21.07
C SER A 324 -5.94 -13.67 -21.98
N TYR B 31 27.84 15.47 -2.58
CA TYR B 31 27.08 14.22 -2.48
C TYR B 31 27.65 13.28 -1.42
N ASP B 32 26.95 13.20 -0.28
CA ASP B 32 27.34 12.29 0.80
C ASP B 32 27.24 10.85 0.32
N HIS B 33 28.31 10.09 0.51
CA HIS B 33 28.34 8.69 0.11
C HIS B 33 27.63 7.78 1.09
N LYS B 34 27.08 8.32 2.18
CA LYS B 34 26.28 7.50 3.09
C LYS B 34 25.12 6.82 2.36
N TRP B 35 24.69 7.38 1.23
CA TRP B 35 23.50 6.92 0.53
C TRP B 35 23.76 5.76 -0.42
N GLU B 36 25.02 5.40 -0.69
CA GLU B 36 25.31 4.37 -1.67
C GLU B 36 24.63 3.07 -1.29
N PHE B 37 24.02 2.43 -2.29
CA PHE B 37 23.25 1.22 -2.11
C PHE B 37 23.62 0.28 -3.25
N PRO B 38 23.88 -0.99 -2.95
CA PRO B 38 24.26 -1.94 -4.01
C PRO B 38 23.14 -2.09 -5.01
N ARG B 39 23.44 -1.79 -6.28
CA ARG B 39 22.46 -1.89 -7.35
C ARG B 39 21.84 -3.28 -7.40
N ASN B 40 22.66 -4.31 -7.16
CA ASN B 40 22.25 -5.69 -7.23
C ASN B 40 21.24 -6.06 -6.15
N ARG B 41 21.16 -5.30 -5.06
CA ARG B 41 20.20 -5.56 -4.01
C ARG B 41 18.86 -4.86 -4.25
N LEU B 42 18.65 -4.31 -5.44
CA LEU B 42 17.33 -3.86 -5.88
C LEU B 42 16.76 -4.89 -6.86
N SER B 43 15.51 -5.26 -6.66
CA SER B 43 14.79 -6.12 -7.59
C SER B 43 13.63 -5.30 -8.14
N PHE B 44 13.70 -4.94 -9.42
CA PHE B 44 12.73 -4.03 -10.01
C PHE B 44 11.40 -4.73 -10.26
N GLY B 45 10.32 -4.00 -9.99
CA GLY B 45 8.99 -4.45 -10.34
C GLY B 45 8.38 -3.62 -11.46
N LYS B 46 7.15 -3.16 -11.26
CA LYS B 46 6.40 -2.47 -12.31
C LYS B 46 6.83 -1.01 -12.42
N THR B 47 6.71 -0.46 -13.64
CA THR B 47 6.95 0.96 -13.87
C THR B 47 5.73 1.76 -13.42
N LEU B 48 5.94 2.72 -12.52
CA LEU B 48 4.85 3.52 -11.97
C LEU B 48 4.51 4.74 -12.82
N GLY B 49 5.48 5.25 -13.56
CA GLY B 49 5.24 6.40 -14.41
C GLY B 49 6.51 6.71 -15.20
N ALA B 50 6.31 7.34 -16.35
CA ALA B 50 7.45 7.63 -17.22
C ALA B 50 7.13 8.83 -18.12
N GLY B 51 8.09 9.74 -18.23
CA GLY B 51 8.05 10.80 -19.20
C GLY B 51 8.88 10.46 -20.42
N ALA B 52 9.33 11.50 -21.12
CA ALA B 52 10.16 11.30 -22.30
C ALA B 52 11.53 10.73 -21.93
N PHE B 53 12.17 11.31 -20.91
CA PHE B 53 13.56 11.02 -20.59
C PHE B 53 13.77 10.27 -19.29
N GLY B 54 12.75 10.14 -18.44
CA GLY B 54 12.93 9.51 -17.14
C GLY B 54 11.77 8.59 -16.82
N LYS B 55 11.94 7.83 -15.73
CA LYS B 55 10.86 6.98 -15.25
C LYS B 55 11.07 6.69 -13.77
N VAL B 56 9.99 6.32 -13.11
CA VAL B 56 10.03 5.82 -11.73
C VAL B 56 9.49 4.40 -11.74
N VAL B 57 10.25 3.47 -11.16
CA VAL B 57 9.82 2.08 -11.10
C VAL B 57 9.76 1.64 -9.64
N GLU B 58 8.85 0.70 -9.37
CA GLU B 58 8.75 0.06 -8.08
C GLU B 58 9.83 -1.01 -7.94
N ALA B 59 10.29 -1.23 -6.71
CA ALA B 59 11.35 -2.21 -6.51
C ALA B 59 11.32 -2.78 -5.10
N THR B 60 11.89 -3.97 -4.97
CA THR B 60 12.14 -4.58 -3.67
C THR B 60 13.60 -4.34 -3.31
N ALA B 61 13.84 -3.69 -2.18
CA ALA B 61 15.19 -3.38 -1.72
C ALA B 61 15.54 -4.30 -0.56
N GLN B 62 16.70 -4.94 -0.67
CA GLN B 62 17.20 -5.86 0.35
C GLN B 62 18.42 -5.24 1.03
N GLY B 63 18.38 -5.18 2.36
CA GLY B 63 19.50 -4.64 3.12
C GLY B 63 19.30 -3.25 3.69
N LEU B 64 18.18 -2.59 3.41
CA LEU B 64 17.94 -1.28 4.01
C LEU B 64 17.70 -1.41 5.50
N ILE B 65 17.27 -2.58 5.95
CA ILE B 65 16.97 -2.86 7.35
C ILE B 65 18.11 -3.71 7.90
N LYS B 66 18.36 -3.59 9.22
CA LYS B 66 19.45 -4.32 9.84
C LYS B 66 19.26 -5.83 9.74
N SER B 67 18.02 -6.30 9.76
CA SER B 67 17.76 -7.71 9.53
C SER B 67 17.83 -8.01 8.03
N ASP B 68 17.57 -9.26 7.66
CA ASP B 68 17.61 -9.61 6.24
C ASP B 68 16.43 -9.06 5.44
N ALA B 69 15.44 -8.44 6.09
CA ALA B 69 14.14 -8.24 5.47
C ALA B 69 14.21 -7.27 4.30
N ALA B 70 13.49 -7.60 3.23
CA ALA B 70 13.33 -6.71 2.09
C ALA B 70 12.18 -5.74 2.34
N MET B 71 12.18 -4.66 1.55
CA MET B 71 11.09 -3.70 1.64
C MET B 71 10.90 -3.06 0.27
N THR B 72 9.67 -2.62 0.02
CA THR B 72 9.33 -1.95 -1.23
C THR B 72 9.85 -0.52 -1.20
N VAL B 73 10.38 -0.07 -2.34
CA VAL B 73 10.86 1.29 -2.53
C VAL B 73 10.46 1.75 -3.94
N ALA B 74 10.64 3.04 -4.20
CA ALA B 74 10.49 3.60 -5.53
C ALA B 74 11.86 4.06 -6.01
N VAL B 75 12.10 3.92 -7.31
CA VAL B 75 13.41 4.21 -7.88
C VAL B 75 13.21 5.09 -9.12
N LYS B 76 13.87 6.24 -9.14
CA LYS B 76 13.86 7.12 -10.29
C LYS B 76 15.14 6.93 -11.09
N MET B 77 15.00 6.85 -12.40
CA MET B 77 16.13 6.63 -13.29
C MET B 77 15.82 7.28 -14.62
N LEU B 78 16.86 7.47 -15.42
CA LEU B 78 16.71 8.04 -16.76
C LEU B 78 16.70 6.95 -17.82
N LYS B 79 16.15 7.29 -18.95
CA LYS B 79 16.05 6.38 -20.08
C LYS B 79 17.20 6.62 -21.04
N PRO B 80 17.51 5.64 -21.91
CA PRO B 80 18.59 5.83 -22.89
C PRO B 80 18.48 7.11 -23.70
N SER B 81 17.28 7.66 -23.87
CA SER B 81 17.10 8.88 -24.66
C SER B 81 17.72 10.11 -24.01
N ALA B 82 17.92 10.11 -22.69
CA ALA B 82 18.38 11.30 -21.99
C ALA B 82 19.82 11.65 -22.35
N HIS B 83 20.13 12.95 -22.27
CA HIS B 83 21.44 13.50 -22.62
C HIS B 83 22.20 13.88 -21.35
N SER B 84 23.39 14.45 -21.56
CA SER B 84 24.28 14.76 -20.43
C SER B 84 23.62 15.73 -19.45
N THR B 85 22.84 16.68 -19.95
CA THR B 85 22.22 17.66 -19.05
C THR B 85 21.17 17.01 -18.16
N GLU B 86 20.45 16.02 -18.67
CA GLU B 86 19.49 15.28 -17.85
C GLU B 86 20.21 14.54 -16.72
N ARG B 87 21.31 13.85 -17.06
CA ARG B 87 22.04 13.10 -16.06
C ARG B 87 22.68 14.02 -15.03
N GLU B 88 23.08 15.22 -15.42
CA GLU B 88 23.53 16.20 -14.45
C GLU B 88 22.38 16.67 -13.58
N ALA B 89 21.19 16.82 -14.16
CA ALA B 89 20.03 17.29 -13.38
C ALA B 89 19.60 16.25 -12.37
N LEU B 90 19.59 14.96 -12.75
CA LEU B 90 19.26 13.91 -11.80
C LEU B 90 20.25 13.91 -10.64
N MET B 91 21.52 14.19 -10.92
CA MET B 91 22.52 14.29 -9.86
C MET B 91 22.26 15.50 -8.97
N SER B 92 21.88 16.63 -9.56
CA SER B 92 21.49 17.79 -8.77
C SER B 92 20.31 17.48 -7.85
N GLU B 93 19.31 16.77 -8.38
CA GLU B 93 18.18 16.35 -7.57
C GLU B 93 18.62 15.49 -6.39
N LEU B 94 19.56 14.57 -6.64
CA LEU B 94 20.03 13.71 -5.57
C LEU B 94 20.72 14.51 -4.48
N LYS B 95 21.53 15.50 -4.87
CA LYS B 95 22.20 16.33 -3.87
C LYS B 95 21.18 17.18 -3.11
N VAL B 96 20.19 17.74 -3.80
CA VAL B 96 19.16 18.52 -3.11
C VAL B 96 18.39 17.64 -2.12
N LEU B 97 17.98 16.44 -2.55
CA LEU B 97 17.26 15.55 -1.64
C LEU B 97 18.10 15.20 -0.42
N SER B 98 19.41 15.02 -0.59
CA SER B 98 20.27 14.72 0.54
CA SER B 98 20.26 14.71 0.56
C SER B 98 20.40 15.91 1.48
N TYR B 99 20.43 17.12 0.92
CA TYR B 99 20.54 18.33 1.74
C TYR B 99 19.25 18.59 2.51
N LEU B 100 18.09 18.28 1.93
CA LEU B 100 16.83 18.56 2.62
C LEU B 100 16.71 17.76 3.91
N GLY B 101 17.30 16.57 3.95
CA GLY B 101 17.15 15.75 5.12
C GLY B 101 15.75 15.13 5.15
N ASN B 102 15.47 14.46 6.26
CA ASN B 102 14.18 13.80 6.42
C ASN B 102 13.15 14.78 6.95
N HIS B 103 12.03 14.88 6.24
CA HIS B 103 10.86 15.58 6.75
C HIS B 103 9.64 14.69 6.56
N GLU B 104 8.76 14.71 7.54
CA GLU B 104 7.61 13.80 7.55
C GLU B 104 6.65 14.07 6.39
N ASN B 105 6.65 15.29 5.85
CA ASN B 105 5.71 15.67 4.80
C ASN B 105 6.36 15.80 3.44
N ILE B 106 7.57 15.28 3.30
CA ILE B 106 8.29 15.27 2.03
C ILE B 106 8.73 13.85 1.73
N VAL B 107 8.72 13.48 0.45
CA VAL B 107 9.23 12.17 0.08
C VAL B 107 10.67 12.08 0.56
N ASN B 108 11.00 10.97 1.21
CA ASN B 108 12.29 10.83 1.88
C ASN B 108 13.23 9.97 1.05
N LEU B 109 14.42 10.52 0.78
CA LEU B 109 15.47 9.75 0.13
C LEU B 109 15.89 8.58 1.00
N LEU B 110 16.05 7.42 0.38
CA LEU B 110 16.51 6.22 1.07
C LEU B 110 17.90 5.76 0.63
N GLY B 111 18.29 6.02 -0.60
CA GLY B 111 19.58 5.60 -1.08
C GLY B 111 19.76 6.00 -2.53
N ALA B 112 20.94 5.66 -3.05
CA ALA B 112 21.27 6.00 -4.43
C ALA B 112 22.37 5.07 -4.92
N CYS B 113 22.37 4.85 -6.23
CA CYS B 113 23.43 4.10 -6.91
C CYS B 113 24.09 5.05 -7.90
N THR B 114 25.39 5.31 -7.71
CA THR B 114 26.12 6.26 -8.52
C THR B 114 27.33 5.66 -9.24
N HIS B 115 27.45 4.34 -9.29
CA HIS B 115 28.51 3.69 -10.05
C HIS B 115 27.97 2.39 -10.63
N GLY B 116 28.67 1.87 -11.63
CA GLY B 116 28.28 0.62 -12.25
C GLY B 116 27.02 0.70 -13.09
N GLY B 117 26.67 1.89 -13.57
CA GLY B 117 25.48 2.07 -14.39
C GLY B 117 24.86 3.44 -14.21
N PRO B 118 23.67 3.63 -14.78
CA PRO B 118 22.99 4.92 -14.64
C PRO B 118 22.60 5.19 -13.20
N THR B 119 22.49 6.48 -12.87
CA THR B 119 22.16 6.87 -11.50
C THR B 119 20.77 6.42 -11.13
N LEU B 120 20.64 5.87 -9.92
CA LEU B 120 19.37 5.46 -9.34
C LEU B 120 19.11 6.29 -8.09
N VAL B 121 17.94 6.90 -7.99
CA VAL B 121 17.53 7.62 -6.80
C VAL B 121 16.42 6.82 -6.14
N ILE B 122 16.64 6.42 -4.89
CA ILE B 122 15.77 5.51 -4.17
C ILE B 122 15.07 6.28 -3.07
N THR B 123 13.73 6.29 -3.12
CA THR B 123 12.91 6.95 -2.10
C THR B 123 11.95 5.94 -1.49
N GLU B 124 11.31 6.38 -0.42
CA GLU B 124 10.24 5.58 0.18
C GLU B 124 9.12 5.36 -0.83
N TYR B 125 8.36 4.29 -0.60
CA TYR B 125 7.20 3.96 -1.41
C TYR B 125 5.94 4.37 -0.67
N CYS B 126 5.14 5.23 -1.30
CA CYS B 126 3.89 5.71 -0.72
C CYS B 126 2.76 4.87 -1.29
N CYS B 127 2.11 4.07 -0.44
CA CYS B 127 1.31 2.95 -0.93
C CYS B 127 -0.06 3.38 -1.47
N TYR B 128 -0.52 4.58 -1.16
CA TYR B 128 -1.84 5.02 -1.59
C TYR B 128 -1.80 5.88 -2.85
N GLY B 129 -0.61 6.12 -3.42
CA GLY B 129 -0.53 6.83 -4.68
C GLY B 129 -0.65 8.33 -4.53
N ASP B 130 -0.97 8.97 -5.66
CA ASP B 130 -1.05 10.42 -5.68
C ASP B 130 -2.38 10.91 -5.11
N LEU B 131 -2.33 12.10 -4.50
CA LEU B 131 -3.50 12.65 -3.83
C LEU B 131 -4.62 12.97 -4.81
N LEU B 132 -4.26 13.37 -6.04
CA LEU B 132 -5.26 13.72 -7.04
C LEU B 132 -6.17 12.54 -7.35
N ASN B 133 -5.59 11.41 -7.76
CA ASN B 133 -6.40 10.24 -8.07
C ASN B 133 -7.14 9.74 -6.83
N PHE B 134 -6.51 9.88 -5.66
CA PHE B 134 -7.14 9.45 -4.41
C PHE B 134 -8.40 10.24 -4.13
N LEU B 135 -8.37 11.56 -4.38
CA LEU B 135 -9.56 12.38 -4.18
C LEU B 135 -10.63 12.07 -5.22
N ARG B 136 -10.23 11.88 -6.47
CA ARG B 136 -11.19 11.52 -7.52
C ARG B 136 -11.86 10.19 -7.23
N ARG B 137 -11.11 9.22 -6.70
CA ARG B 137 -11.66 7.90 -6.39
C ARG B 137 -12.72 7.98 -5.30
N LYS B 138 -12.43 8.70 -4.21
CA LYS B 138 -13.29 8.71 -3.04
C LYS B 138 -14.29 9.85 -3.03
N ARG B 139 -14.44 10.57 -4.15
CA ARG B 139 -15.28 11.77 -4.13
C ARG B 139 -16.75 11.42 -3.98
N ASP B 140 -17.17 10.28 -4.55
CA ASP B 140 -18.58 9.91 -4.46
C ASP B 140 -18.97 9.54 -3.04
N GLU B 141 -18.04 8.97 -2.28
CA GLU B 141 -18.32 8.49 -0.93
C GLU B 141 -17.91 9.46 0.17
N PHE B 142 -17.39 10.62 -0.19
CA PHE B 142 -16.95 11.60 0.81
C PHE B 142 -18.14 12.12 1.61
N VAL B 143 -17.91 12.29 2.92
CA VAL B 143 -18.90 12.83 3.84
C VAL B 143 -18.27 14.03 4.56
N PRO B 144 -18.97 15.17 4.66
CA PRO B 144 -18.51 16.32 5.44
C PRO B 144 -18.34 15.99 6.93
N THR B 158 -13.26 12.33 4.62
CA THR B 158 -14.03 13.31 5.39
C THR B 158 -13.36 14.67 5.46
N LEU B 159 -14.07 15.65 6.05
CA LEU B 159 -13.54 17.01 6.12
C LEU B 159 -12.30 17.07 7.01
N GLU B 160 -12.23 16.22 8.03
CA GLU B 160 -11.06 16.21 8.90
C GLU B 160 -9.82 15.79 8.12
N HIS B 161 -9.96 14.83 7.20
CA HIS B 161 -8.85 14.46 6.34
C HIS B 161 -8.39 15.65 5.50
N LEU B 162 -9.35 16.35 4.89
CA LEU B 162 -9.02 17.47 4.00
C LEU B 162 -8.23 18.55 4.74
N LEU B 163 -8.68 18.92 5.94
CA LEU B 163 -7.93 19.89 6.73
C LEU B 163 -6.54 19.37 7.08
N SER B 164 -6.44 18.08 7.42
CA SER B 164 -5.14 17.50 7.73
C SER B 164 -4.21 17.58 6.53
N PHE B 165 -4.70 17.20 5.35
CA PHE B 165 -3.90 17.29 4.13
C PHE B 165 -3.40 18.71 3.89
N SER B 166 -4.29 19.70 3.99
CA SER B 166 -3.86 21.07 3.74
C SER B 166 -2.84 21.53 4.78
N TYR B 167 -2.95 20.99 5.99
CA TYR B 167 -2.00 21.30 7.05
C TYR B 167 -0.62 20.70 6.76
N GLN B 168 -0.58 19.39 6.49
CA GLN B 168 0.69 18.72 6.23
C GLN B 168 1.40 19.31 5.03
N VAL B 169 0.67 19.58 3.94
CA VAL B 169 1.32 20.13 2.75
C VAL B 169 1.87 21.52 3.05
N ALA B 170 1.14 22.32 3.83
CA ALA B 170 1.65 23.62 4.23
C ALA B 170 2.92 23.48 5.08
N LYS B 171 2.95 22.51 6.00
CA LYS B 171 4.16 22.27 6.78
C LYS B 171 5.32 21.88 5.87
N GLY B 172 5.08 20.93 4.95
CA GLY B 172 6.12 20.54 4.02
C GLY B 172 6.64 21.69 3.20
N MET B 173 5.73 22.51 2.67
CA MET B 173 6.14 23.67 1.90
C MET B 173 6.85 24.69 2.79
N ALA B 174 6.41 24.85 4.04
CA ALA B 174 7.12 25.73 4.96
C ALA B 174 8.53 25.24 5.18
N PHE B 175 8.72 23.93 5.24
CA PHE B 175 10.04 23.35 5.44
C PHE B 175 10.92 23.56 4.20
N LEU B 176 10.36 23.37 3.00
CA LEU B 176 11.09 23.69 1.78
C LEU B 176 11.54 25.14 1.78
N ALA B 177 10.62 26.06 2.11
CA ALA B 177 10.94 27.48 2.07
C ALA B 177 12.04 27.84 3.06
N SER B 178 12.05 27.20 4.23
CA SER B 178 13.11 27.50 5.19
C SER B 178 14.46 27.01 4.70
N LYS B 179 14.45 25.96 3.88
CA LYS B 179 15.65 25.46 3.23
C LYS B 179 15.97 26.19 1.92
N ASN B 180 15.31 27.31 1.67
CA ASN B 180 15.55 28.16 0.49
C ASN B 180 15.34 27.39 -0.81
N CYS B 181 14.30 26.55 -0.83
CA CYS B 181 13.96 25.75 -2.00
CA CYS B 181 13.96 25.76 -2.01
C CYS B 181 12.59 26.13 -2.54
N ILE B 182 12.46 26.13 -3.86
CA ILE B 182 11.21 26.46 -4.55
C ILE B 182 10.78 25.22 -5.34
N HIS B 183 9.51 24.84 -5.21
CA HIS B 183 9.03 23.60 -5.84
C HIS B 183 8.85 23.78 -7.34
N ARG B 184 8.02 24.75 -7.75
CA ARG B 184 7.71 25.17 -9.11
C ARG B 184 6.59 24.34 -9.75
N ASP B 185 6.15 23.23 -9.13
CA ASP B 185 5.07 22.43 -9.70
C ASP B 185 4.20 21.85 -8.59
N LEU B 186 3.89 22.65 -7.57
CA LEU B 186 3.02 22.19 -6.49
C LEU B 186 1.60 22.03 -6.99
N ALA B 187 1.05 20.83 -6.79
CA ALA B 187 -0.28 20.45 -7.27
C ALA B 187 -0.62 19.10 -6.67
N ALA B 188 -1.91 18.79 -6.66
CA ALA B 188 -2.36 17.55 -6.03
C ALA B 188 -1.72 16.33 -6.66
N ARG B 189 -1.42 16.37 -7.96
CA ARG B 189 -0.78 15.24 -8.62
C ARG B 189 0.62 14.96 -8.08
N ASN B 190 1.25 15.97 -7.46
CA ASN B 190 2.60 15.85 -6.94
C ASN B 190 2.64 15.66 -5.43
N ILE B 191 1.51 15.27 -4.83
CA ILE B 191 1.43 14.90 -3.42
C ILE B 191 1.11 13.41 -3.36
N LEU B 192 1.83 12.68 -2.53
CA LEU B 192 1.59 11.25 -2.35
C LEU B 192 1.03 10.98 -0.96
N LEU B 193 0.39 9.82 -0.82
CA LEU B 193 -0.25 9.39 0.40
C LEU B 193 0.32 8.06 0.83
N THR B 194 0.65 7.95 2.12
CA THR B 194 1.26 6.72 2.65
C THR B 194 0.52 6.29 3.92
N HIS B 195 1.13 5.39 4.70
CA HIS B 195 0.49 4.84 5.90
C HIS B 195 0.04 5.96 6.83
N GLY B 196 -1.15 5.77 7.42
CA GLY B 196 -1.73 6.82 8.23
C GLY B 196 -2.18 8.02 7.45
N ASN B 197 -2.15 7.95 6.13
CA ASN B 197 -2.52 9.06 5.25
C ASN B 197 -1.76 10.32 5.63
N ILE B 198 -0.46 10.15 5.80
CA ILE B 198 0.47 11.27 5.86
C ILE B 198 0.81 11.66 4.43
N THR B 199 0.70 12.95 4.12
CA THR B 199 1.02 13.41 2.78
C THR B 199 2.51 13.65 2.65
N LYS B 200 3.02 13.41 1.45
CA LYS B 200 4.42 13.68 1.15
C LYS B 200 4.52 14.42 -0.17
N ILE B 201 5.20 15.56 -0.13
CA ILE B 201 5.41 16.36 -1.34
C ILE B 201 6.46 15.68 -2.20
N CYS B 202 6.23 15.68 -3.52
CA CYS B 202 7.12 15.06 -4.48
CA CYS B 202 7.19 15.11 -4.44
C CYS B 202 7.25 15.94 -5.72
N ASP B 203 8.33 15.74 -6.46
CA ASP B 203 8.50 16.32 -7.79
C ASP B 203 9.08 15.20 -8.64
N PHE B 204 8.33 14.75 -9.64
CA PHE B 204 8.81 13.67 -10.48
C PHE B 204 9.65 14.14 -11.65
N GLY B 205 9.58 15.43 -11.98
CA GLY B 205 10.39 15.98 -13.05
C GLY B 205 10.30 15.21 -14.34
N LEU B 206 11.45 14.69 -14.78
CA LEU B 206 11.53 14.03 -16.09
C LEU B 206 10.80 12.70 -16.14
N ALA B 207 10.44 12.15 -14.98
CA ALA B 207 9.68 10.89 -14.93
C ALA B 207 8.18 11.10 -15.05
N ARG B 208 7.73 12.32 -15.29
CA ARG B 208 6.32 12.62 -15.49
C ARG B 208 6.06 12.88 -16.98
N ASP B 209 5.00 12.25 -17.50
CA ASP B 209 4.60 12.44 -18.90
C ASP B 209 3.81 13.74 -18.98
N ILE B 210 4.53 14.85 -19.10
CA ILE B 210 3.85 16.13 -19.27
C ILE B 210 3.41 16.32 -20.72
N LYS B 211 4.03 15.63 -21.68
CA LYS B 211 3.66 15.80 -23.07
C LYS B 211 2.20 15.45 -23.32
N ASN B 212 1.67 14.47 -22.60
CA ASN B 212 0.31 13.99 -22.83
C ASN B 212 -0.66 14.30 -21.70
N ASP B 213 -0.27 15.17 -20.77
CA ASP B 213 -1.11 15.59 -19.66
C ASP B 213 -1.73 16.93 -20.03
N SER B 214 -3.07 17.00 -20.04
CA SER B 214 -3.74 18.23 -20.40
C SER B 214 -3.59 19.31 -19.34
N ASN B 215 -3.10 18.98 -18.14
CA ASN B 215 -2.86 19.99 -17.13
C ASN B 215 -1.59 20.79 -17.39
N TYR B 216 -0.72 20.33 -18.30
CA TYR B 216 0.41 21.11 -18.78
C TYR B 216 0.08 21.64 -20.18
N VAL B 217 0.43 22.90 -20.41
CA VAL B 217 -0.03 23.65 -21.59
C VAL B 217 1.18 24.23 -22.30
N ASP B 218 1.11 24.27 -23.64
CA ASP B 218 2.19 24.87 -24.43
C ASP B 218 2.17 26.38 -24.28
N LYS B 219 3.29 26.93 -23.80
CA LYS B 219 3.52 28.37 -23.77
C LYS B 219 4.96 28.61 -24.20
N GLY B 220 5.15 29.32 -25.31
CA GLY B 220 6.48 29.38 -25.90
C GLY B 220 6.89 28.00 -26.39
N ASN B 221 8.15 27.65 -26.18
CA ASN B 221 8.67 26.33 -26.53
C ASN B 221 8.65 25.37 -25.34
N ALA B 222 7.91 25.70 -24.29
CA ALA B 222 7.83 24.88 -23.08
C ALA B 222 6.40 24.38 -22.88
N ARG B 223 6.26 23.46 -21.94
CA ARG B 223 4.98 22.91 -21.54
C ARG B 223 4.86 23.11 -20.03
N LEU B 224 3.92 23.96 -19.61
CA LEU B 224 3.87 24.50 -18.27
C LEU B 224 2.51 24.28 -17.64
N PRO B 225 2.46 24.11 -16.30
CA PRO B 225 1.18 23.92 -15.56
C PRO B 225 0.49 25.25 -15.28
N VAL B 226 -0.02 25.86 -16.34
CA VAL B 226 -0.41 27.28 -16.30
C VAL B 226 -1.48 27.54 -15.25
N LYS B 227 -2.43 26.62 -15.09
CA LYS B 227 -3.52 26.87 -14.15
C LYS B 227 -3.06 26.89 -12.70
N TRP B 228 -1.88 26.35 -12.40
CA TRP B 228 -1.36 26.42 -11.05
C TRP B 228 -0.36 27.55 -10.85
N MET B 229 -0.03 28.29 -11.91
CA MET B 229 1.07 29.24 -11.90
C MET B 229 0.61 30.66 -11.58
N ALA B 230 1.44 31.38 -10.84
CA ALA B 230 1.13 32.77 -10.52
C ALA B 230 1.27 33.62 -11.78
N PRO B 231 0.52 34.73 -11.86
CA PRO B 231 0.59 35.56 -13.08
C PRO B 231 1.97 36.12 -13.35
N GLU B 232 2.65 36.65 -12.32
CA GLU B 232 4.00 37.17 -12.56
C GLU B 232 4.96 36.06 -12.97
N SER B 233 4.74 34.84 -12.48
CA SER B 233 5.57 33.72 -12.92
C SER B 233 5.26 33.33 -14.37
N ILE B 234 4.03 33.54 -14.82
CA ILE B 234 3.66 33.22 -16.20
C ILE B 234 4.30 34.19 -17.18
N PHE B 235 4.11 35.50 -16.96
CA PHE B 235 4.64 36.49 -17.89
C PHE B 235 6.17 36.52 -17.85
N ASN B 236 6.75 36.35 -16.67
CA ASN B 236 8.18 36.56 -16.45
C ASN B 236 9.00 35.27 -16.44
N SER B 237 8.35 34.11 -16.34
CA SER B 237 9.02 32.80 -16.30
C SER B 237 9.92 32.62 -15.09
N VAL B 238 9.76 33.46 -14.06
CA VAL B 238 10.57 33.37 -12.84
C VAL B 238 9.69 32.84 -11.71
N TYR B 239 10.21 31.85 -10.99
CA TYR B 239 9.52 31.24 -9.87
C TYR B 239 10.12 31.75 -8.56
N THR B 240 9.25 32.07 -7.60
CA THR B 240 9.65 32.60 -6.31
C THR B 240 8.98 31.80 -5.19
N PHE B 241 9.33 32.13 -3.94
CA PHE B 241 8.57 31.63 -2.81
C PHE B 241 7.11 32.06 -2.90
N GLU B 242 6.86 33.25 -3.43
CA GLU B 242 5.49 33.75 -3.52
C GLU B 242 4.70 33.01 -4.58
N SER B 243 5.35 32.60 -5.68
CA SER B 243 4.64 31.83 -6.70
C SER B 243 4.29 30.44 -6.19
N ASP B 244 5.16 29.84 -5.36
CA ASP B 244 4.81 28.58 -4.70
C ASP B 244 3.55 28.73 -3.86
N VAL B 245 3.38 29.90 -3.22
CA VAL B 245 2.20 30.13 -2.38
C VAL B 245 0.94 30.22 -3.25
N TRP B 246 1.04 30.90 -4.40
CA TRP B 246 -0.08 30.91 -5.35
C TRP B 246 -0.49 29.49 -5.73
N SER B 247 0.49 28.64 -6.06
CA SER B 247 0.19 27.25 -6.41
C SER B 247 -0.49 26.53 -5.26
N TYR B 248 -0.06 26.80 -4.02
CA TYR B 248 -0.68 26.15 -2.87
C TYR B 248 -2.15 26.54 -2.76
N GLY B 249 -2.49 27.79 -3.10
CA GLY B 249 -3.89 28.18 -3.16
C GLY B 249 -4.67 27.37 -4.18
N ILE B 250 -4.08 27.10 -5.33
CA ILE B 250 -4.74 26.27 -6.32
C ILE B 250 -4.85 24.84 -5.81
N PHE B 251 -3.80 24.34 -5.16
CA PHE B 251 -3.87 23.02 -4.54
C PHE B 251 -5.03 22.94 -3.55
N LEU B 252 -5.18 23.95 -2.68
CA LEU B 252 -6.32 23.99 -1.76
C LEU B 252 -7.64 23.88 -2.51
N TRP B 253 -7.77 24.58 -3.64
CA TRP B 253 -8.99 24.49 -4.43
C TRP B 253 -9.21 23.06 -4.94
N GLU B 254 -8.16 22.42 -5.46
CA GLU B 254 -8.26 21.01 -5.87
C GLU B 254 -8.73 20.14 -4.73
N LEU B 255 -8.08 20.30 -3.57
CA LEU B 255 -8.35 19.45 -2.41
C LEU B 255 -9.82 19.51 -2.03
N PHE B 256 -10.35 20.72 -1.82
CA PHE B 256 -11.72 20.85 -1.35
C PHE B 256 -12.75 20.72 -2.46
N SER B 257 -12.33 20.67 -3.72
CA SER B 257 -13.21 20.30 -4.81
C SER B 257 -13.11 18.81 -5.13
N LEU B 258 -12.40 18.05 -4.29
CA LEU B 258 -12.29 16.60 -4.41
C LEU B 258 -11.72 16.17 -5.77
N GLY B 259 -10.64 16.82 -6.18
CA GLY B 259 -9.91 16.38 -7.34
C GLY B 259 -10.32 17.00 -8.65
N SER B 260 -11.23 17.97 -8.62
CA SER B 260 -11.64 18.66 -9.83
CA SER B 260 -11.64 18.66 -9.82
C SER B 260 -10.50 19.48 -10.41
N SER B 261 -10.50 19.61 -11.73
CA SER B 261 -9.51 20.44 -12.40
C SER B 261 -9.83 21.91 -12.18
N PRO B 262 -8.81 22.75 -11.99
CA PRO B 262 -9.06 24.17 -11.73
C PRO B 262 -9.60 24.90 -12.94
N TYR B 263 -10.18 26.07 -12.69
CA TYR B 263 -10.88 26.89 -13.67
C TYR B 263 -11.76 26.04 -14.60
N PRO B 264 -12.70 25.27 -14.04
CA PRO B 264 -13.47 24.35 -14.88
C PRO B 264 -14.24 25.07 -15.97
N GLY B 265 -14.30 24.42 -17.14
CA GLY B 265 -14.90 24.98 -18.34
C GLY B 265 -14.09 26.04 -19.05
N MET B 266 -12.96 26.46 -18.50
CA MET B 266 -12.18 27.53 -19.09
C MET B 266 -10.89 26.98 -19.68
N PRO B 267 -10.74 26.94 -21.00
CA PRO B 267 -9.47 26.50 -21.58
C PRO B 267 -8.39 27.56 -21.39
N VAL B 268 -7.14 27.11 -21.39
CA VAL B 268 -6.01 28.03 -21.32
C VAL B 268 -5.85 28.66 -22.71
N ASP B 269 -6.33 29.90 -22.85
CA ASP B 269 -6.21 30.65 -24.09
C ASP B 269 -6.01 32.13 -23.73
N SER B 270 -6.04 33.00 -24.73
CA SER B 270 -5.77 34.42 -24.48
C SER B 270 -6.77 35.03 -23.51
N LYS B 271 -8.04 34.62 -23.61
CA LYS B 271 -9.03 35.14 -22.68
C LYS B 271 -8.71 34.73 -21.24
N PHE B 272 -8.22 33.49 -21.05
CA PHE B 272 -7.88 33.03 -19.72
C PHE B 272 -6.82 33.92 -19.07
N TYR B 273 -5.71 34.14 -19.78
CA TYR B 273 -4.64 34.99 -19.25
C TYR B 273 -5.17 36.38 -18.92
N LYS B 274 -5.95 36.96 -19.83
CA LYS B 274 -6.52 38.28 -19.60
C LYS B 274 -7.40 38.27 -18.35
N MET B 275 -8.30 37.29 -18.25
CA MET B 275 -9.23 37.25 -17.12
C MET B 275 -8.48 37.18 -15.79
N ILE B 276 -7.48 36.31 -15.71
CA ILE B 276 -6.66 36.24 -14.49
C ILE B 276 -5.97 37.59 -14.25
N LYS B 277 -5.52 38.24 -15.32
CA LYS B 277 -4.86 39.53 -15.19
C LYS B 277 -5.81 40.59 -14.68
N GLU B 278 -7.08 40.56 -15.13
CA GLU B 278 -8.06 41.54 -14.68
C GLU B 278 -8.60 41.26 -13.29
N GLY B 279 -8.29 40.10 -12.71
CA GLY B 279 -8.70 39.84 -11.34
C GLY B 279 -9.63 38.66 -11.17
N PHE B 280 -9.84 37.88 -12.22
CA PHE B 280 -10.69 36.70 -12.08
C PHE B 280 -10.04 35.71 -11.12
N ARG B 281 -10.86 35.15 -10.24
CA ARG B 281 -10.44 34.14 -9.29
C ARG B 281 -11.57 33.12 -9.15
N MET B 282 -11.21 31.86 -8.91
CA MET B 282 -12.22 30.84 -8.75
C MET B 282 -13.08 31.12 -7.53
N SER B 283 -14.35 30.75 -7.62
CA SER B 283 -15.23 30.83 -6.47
C SER B 283 -14.95 29.67 -5.53
N SER B 284 -15.59 29.71 -4.37
CA SER B 284 -15.28 28.72 -3.34
C SER B 284 -15.78 27.34 -3.74
N PRO B 285 -14.96 26.30 -3.53
CA PRO B 285 -15.48 24.93 -3.62
C PRO B 285 -16.57 24.68 -2.61
N GLU B 286 -17.42 23.69 -2.92
CA GLU B 286 -18.58 23.39 -2.08
C GLU B 286 -18.17 23.04 -0.66
N TYR B 287 -17.13 22.21 -0.52
CA TYR B 287 -16.74 21.68 0.78
C TYR B 287 -15.62 22.48 1.44
N ALA B 288 -15.30 23.65 0.92
CA ALA B 288 -14.21 24.45 1.50
C ALA B 288 -14.75 25.26 2.67
N PRO B 289 -14.20 25.08 3.88
CA PRO B 289 -14.53 26.00 4.97
C PRO B 289 -14.21 27.44 4.59
N ALA B 290 -15.00 28.37 5.13
CA ALA B 290 -14.83 29.78 4.80
C ALA B 290 -13.41 30.27 5.05
N GLU B 291 -12.81 29.86 6.17
CA GLU B 291 -11.46 30.32 6.50
C GLU B 291 -10.40 29.66 5.63
N MET B 292 -10.70 28.51 5.03
CA MET B 292 -9.78 27.92 4.08
C MET B 292 -9.90 28.60 2.71
N TYR B 293 -11.12 29.01 2.33
CA TYR B 293 -11.25 29.77 1.10
C TYR B 293 -10.60 31.15 1.22
N ASP B 294 -10.62 31.74 2.41
CA ASP B 294 -9.92 33.01 2.62
C ASP B 294 -8.42 32.86 2.40
N ILE B 295 -7.84 31.72 2.81
CA ILE B 295 -6.43 31.49 2.52
C ILE B 295 -6.20 31.44 1.01
N MET B 296 -7.09 30.76 0.29
CA MET B 296 -6.95 30.70 -1.17
C MET B 296 -6.92 32.11 -1.77
N LYS B 297 -7.86 32.97 -1.35
CA LYS B 297 -7.94 34.31 -1.90
C LYS B 297 -6.67 35.10 -1.61
N THR B 298 -6.12 34.96 -0.39
CA THR B 298 -4.85 35.65 -0.11
C THR B 298 -3.67 35.02 -0.85
N CYS B 299 -3.68 33.70 -1.08
CA CYS B 299 -2.64 33.11 -1.91
C CYS B 299 -2.72 33.62 -3.34
N TRP B 300 -3.91 34.04 -3.78
CA TRP B 300 -4.13 34.48 -5.15
C TRP B 300 -4.06 35.98 -5.30
N ASP B 301 -3.44 36.68 -4.36
CA ASP B 301 -3.28 38.12 -4.51
C ASP B 301 -2.38 38.42 -5.69
N ALA B 302 -2.78 39.39 -6.51
CA ALA B 302 -1.92 39.82 -7.62
C ALA B 302 -0.59 40.36 -7.10
N ASP B 303 -0.59 41.01 -5.93
CA ASP B 303 0.65 41.49 -5.33
C ASP B 303 1.34 40.35 -4.60
N PRO B 304 2.55 39.94 -5.01
CA PRO B 304 3.19 38.82 -4.30
C PRO B 304 3.48 39.10 -2.84
N ASP B 305 3.85 40.33 -2.48
CA ASP B 305 4.16 40.67 -1.10
C ASP B 305 2.95 40.58 -0.18
N LYS B 306 1.75 40.66 -0.74
CA LYS B 306 0.52 40.57 0.04
C LYS B 306 0.07 39.14 0.25
N ARG B 307 0.66 38.17 -0.43
CA ARG B 307 0.36 36.77 -0.17
C ARG B 307 0.99 36.33 1.15
N PRO B 308 0.35 35.43 1.88
CA PRO B 308 0.94 34.92 3.12
C PRO B 308 2.14 34.04 2.83
N THR B 309 2.99 33.89 3.84
CA THR B 309 4.06 32.91 3.79
C THR B 309 3.53 31.56 4.25
N PHE B 310 4.27 30.49 3.90
CA PHE B 310 3.84 29.18 4.34
C PHE B 310 3.87 29.06 5.86
N LYS B 311 4.83 29.73 6.51
CA LYS B 311 4.87 29.77 7.97
C LYS B 311 3.59 30.41 8.53
N GLN B 312 3.14 31.50 7.91
CA GLN B 312 1.87 32.12 8.30
C GLN B 312 0.68 31.19 8.03
N ILE B 313 0.68 30.52 6.88
CA ILE B 313 -0.40 29.59 6.54
C ILE B 313 -0.46 28.46 7.56
N VAL B 314 0.71 27.96 7.99
CA VAL B 314 0.74 26.87 8.95
C VAL B 314 0.10 27.30 10.26
N GLN B 315 0.44 28.49 10.75
CA GLN B 315 -0.16 28.99 11.98
C GLN B 315 -1.66 29.19 11.83
N ASP B 316 -2.08 29.74 10.69
CA ASP B 316 -3.50 29.94 10.41
C ASP B 316 -4.27 28.62 10.49
N ILE B 317 -3.78 27.60 9.79
CA ILE B 317 -4.48 26.30 9.77
C ILE B 317 -4.41 25.64 11.14
N GLU B 318 -3.27 25.78 11.83
CA GLU B 318 -3.14 25.22 13.17
C GLU B 318 -4.18 25.80 14.11
N LYS B 319 -4.36 27.13 14.08
CA LYS B 319 -5.42 27.76 14.88
C LYS B 319 -6.80 27.25 14.46
N GLN B 320 -7.00 27.03 13.16
CA GLN B 320 -8.28 26.47 12.70
C GLN B 320 -8.49 25.07 13.24
N ILE B 321 -7.46 24.22 13.15
CA ILE B 321 -7.57 22.84 13.65
C ILE B 321 -7.83 22.85 15.15
N SER B 322 -7.20 23.78 15.87
CA SER B 322 -7.45 23.92 17.30
C SER B 322 -8.93 24.16 17.59
N GLU B 323 -9.47 25.25 17.03
CA GLU B 323 -10.81 25.70 17.38
C GLU B 323 -11.87 24.65 17.05
N SER B 324 -11.65 23.85 16.03
CA SER B 324 -12.62 22.82 15.66
C SER B 324 -11.95 21.53 15.23
C10 A1H4U C . 3.15 -21.28 13.10
C13 A1H4U C . 2.30 -17.13 11.51
C17 A1H4U C . 1.65 -12.27 11.17
C20 A1H4U C . 2.06 -9.81 12.34
C21 A1H4U C . 2.27 -8.43 13.00
C22 A1H4U C . 1.18 -9.95 11.26
C24 A1H4U C . -0.23 -7.94 10.17
C26 A1H4U C . -0.27 -6.10 8.45
C28 A1H4U C . -2.18 -4.90 8.08
C02 A1H4U C . 2.23 -17.93 7.24
C05 A1H4U C . 2.25 -17.65 8.76
C06 A1H4U C . 2.34 -18.71 9.68
C07 A1H4U C . 2.35 -18.44 11.05
C09 A1H4U C . 3.24 -20.56 11.94
C12 A1H4U C . 1.94 -19.48 13.29
C14 A1H4U C . 2.19 -16.08 10.61
C16 A1H4U C . 1.47 -13.62 10.49
C18 A1H4U C . 2.55 -12.15 12.23
C19 A1H4U C . 2.75 -10.92 12.83
C23 A1H4U C . 0.40 -8.78 10.68
C25 A1H4U C . -0.95 -6.84 9.41
C30 A1H4U C . -4.32 -3.79 7.49
C31 A1H4U C . -4.97 -2.54 6.91
C32 A1H4U C . -4.83 -2.69 8.42
C34 A1H4U C . -2.29 -6.54 9.67
C35 A1H4U C . 0.97 -11.17 10.66
C37 A1H4U C . 2.19 -16.33 9.23
F01 A1H4U C . 3.23 -17.24 6.64
F03 A1H4U C . 2.42 -19.27 7.04
F04 A1H4U C . 1.06 -17.56 6.66
N08 A1H4U C . 2.48 -19.49 12.06
N11 A1H4U C . 2.34 -20.60 13.93
N15 A1H4U C . 2.16 -14.72 11.10
N27 A1H4U C . -0.92 -5.15 7.80
N29 A1H4U C . -2.87 -3.85 7.37
N33 A1H4U C . -2.86 -5.57 8.99
O36 A1H4U C . 0.81 -13.73 9.50
CL CL D . -6.52 -8.52 28.41
C10 A1H4U E . 15.21 19.13 -8.72
C13 A1H4U E . 13.08 16.27 -6.44
C17 A1H4U E . 11.29 11.70 -6.10
C20 A1H4U E . 11.68 9.00 -6.61
C21 A1H4U E . 11.86 7.49 -6.88
C22 A1H4U E . 10.44 9.48 -6.20
C24 A1H4U E . 8.25 7.97 -5.85
C26 A1H4U E . 6.63 6.74 -4.36
C28 A1H4U E . 4.69 5.93 -5.22
C02 A1H4U E . 10.53 18.03 -3.40
C05 A1H4U E . 11.45 17.44 -4.50
C06 A1H4U E . 12.34 18.23 -5.23
C07 A1H4U E . 13.15 17.63 -6.20
C09 A1H4U E . 14.16 18.34 -8.34
C12 A1H4U E . 15.11 19.13 -6.57
C14 A1H4U E . 12.21 15.49 -5.72
C16 A1H4U E . 11.07 13.18 -5.79
C18 A1H4U E . 12.55 11.23 -6.50
C19 A1H4U E . 12.75 9.88 -6.76
C23 A1H4U E . 9.24 8.57 -6.02
C25 A1H4U E . 6.95 7.24 -5.61
C30 A1H4U E . 2.91 4.31 -6.02
C31 A1H4U E . 1.91 4.93 -7.00
C32 A1H4U E . 1.42 3.99 -5.87
C34 A1H4U E . 6.07 7.04 -6.67
C35 A1H4U E . 10.23 10.82 -5.94
C37 A1H4U E . 11.40 16.07 -4.74
F01 A1H4U E . 10.85 17.50 -2.19
F03 A1H4U E . 10.66 19.38 -3.35
F04 A1H4U E . 9.23 17.71 -3.68
N08 A1H4U E . 14.11 18.36 -7.03
N11 A1H4U E . 15.79 19.61 -7.63
N15 A1H4U E . 12.21 14.05 -5.99
N27 A1H4U E . 5.50 6.10 -4.19
N29 A1H4U E . 3.42 5.22 -5.00
N33 A1H4U E . 4.95 6.38 -6.43
O36 A1H4U E . 10.02 13.56 -5.38
#